data_3BK1
#
_entry.id   3BK1
#
_cell.length_a   97.830
_cell.length_b   117.620
_cell.length_c   230.490
_cell.angle_alpha   90.000
_cell.angle_beta   90.000
_cell.angle_gamma   90.000
#
_symmetry.space_group_name_H-M   'F 2 2 2'
#
loop_
_entity.id
_entity.type
_entity.pdbx_description
1 polymer 'Metal dependent hydrolase'
2 non-polymer 'SULFATE ION'
3 non-polymer 'ZINC ION'
4 non-polymer GLYCEROL
5 water water
#
_entity_poly.entity_id   1
_entity_poly.type   'polypeptide(L)'
_entity_poly.pdbx_seq_one_letter_code
;MSHHHHHHSQGGPQDHVEIIPLGG(MSE)GEIGKNITVFRFRDEIFVLDGGLAFPEEG(MSE)PGVDLLIPRVDYLIEHR
HKIKAWVLTHGHEDHIGGLPFLLP(MSE)IFGKESPVPIYGARLTLGLLRGKLEEFGLRPGAFNLKEISPDDRIQVGRYF
TLDLFR(MSE)THSIPDNSGVVIRTPIGTIVHTGDFKLDPTPIDGKVSHLAKVAQAGAEGVLLLIADATNAERPGYTPSE
(MSE)EIAKELDRVIGRAPGRVFVTTFASHIHRIQSVIWAAEKYGRKVA(MSE)EGRS(MSE)LKFSRIALELGYLKVKD
RLYTLEEVKDLPDHQVLILATGSQGQP(MSE)SVLHRLAFEGHAK(MSE)AIKPGDTVILSSSPIPGNEEAVNRVINRLY
ALGAYVLYPPTYKVHASGHASQEELKLILNLTTPRFFLPWHGEVRHQ(MSE)NFKWLAES(MSE)SRPPEKTLIGENGAV
YRLTRETFEKVGEVPHGVLYVDGLGVGDITEEILADRRH(MSE)AEEGLVVITALAGEDPVVEVVSRGFVKAGERLLGEV
RR(MSE)ALEALKNGVREKKPLERIRDDIYYPVKKFLKKATGRDP(MSE)ILPVVIEG
;
_entity_poly.pdbx_strand_id   A
#
loop_
_chem_comp.id
_chem_comp.type
_chem_comp.name
_chem_comp.formula
GOL non-polymer GLYCEROL 'C3 H8 O3'
SO4 non-polymer 'SULFATE ION' 'O4 S -2'
ZN non-polymer 'ZINC ION' 'Zn 2'
#
# COMPACT_ATOMS: atom_id res chain seq x y z
N GLY A 12 -17.18 -3.68 34.23
CA GLY A 12 -17.80 -2.33 34.12
C GLY A 12 -16.89 -1.27 33.52
N PRO A 13 -16.02 -0.63 34.33
CA PRO A 13 -15.10 0.41 33.88
C PRO A 13 -13.91 -0.14 33.11
N GLN A 14 -13.01 -0.80 33.83
CA GLN A 14 -11.81 -1.40 33.27
C GLN A 14 -12.12 -2.35 32.10
N ASP A 15 -13.40 -2.66 31.91
CA ASP A 15 -13.77 -3.56 30.82
C ASP A 15 -14.07 -2.86 29.52
N HIS A 16 -13.07 -2.81 28.65
CA HIS A 16 -13.22 -2.21 27.34
C HIS A 16 -11.98 -2.49 26.50
N VAL A 17 -12.22 -2.82 25.24
CA VAL A 17 -11.15 -3.10 24.29
C VAL A 17 -10.87 -1.84 23.50
N GLU A 18 -9.59 -1.54 23.26
CA GLU A 18 -9.24 -0.37 22.47
C GLU A 18 -8.70 -0.86 21.13
N ILE A 19 -9.23 -0.28 20.05
CA ILE A 19 -8.81 -0.62 18.72
C ILE A 19 -8.16 0.63 18.13
N ILE A 20 -6.89 0.51 17.79
CA ILE A 20 -6.15 1.64 17.24
C ILE A 20 -5.53 1.30 15.90
N PRO A 21 -6.13 1.80 14.81
CA PRO A 21 -5.63 1.56 13.45
C PRO A 21 -4.50 2.53 13.16
N LEU A 22 -3.36 2.03 12.68
CA LEU A 22 -2.25 2.91 12.37
C LEU A 22 -2.04 3.01 10.86
N GLY A 23 -2.77 2.17 10.13
CA GLY A 23 -2.70 2.14 8.68
C GLY A 23 -3.78 1.23 8.15
N GLY A 24 -4.23 1.47 6.92
CA GLY A 24 -5.26 0.62 6.35
C GLY A 24 -6.68 1.16 6.49
N MSE A 25 -6.86 2.27 7.20
CA MSE A 25 -8.19 2.85 7.36
C MSE A 25 -8.32 4.06 6.44
O MSE A 25 -7.45 4.92 6.41
CB MSE A 25 -8.44 3.32 8.80
CG MSE A 25 -8.75 2.23 9.78
SE MSE A 25 -10.41 1.29 9.44
CE MSE A 25 -10.07 -0.27 10.50
N GLY A 26 -9.42 4.12 5.70
CA GLY A 26 -9.62 5.23 4.81
C GLY A 26 -8.65 5.16 3.66
N GLU A 27 -8.07 3.98 3.45
CA GLU A 27 -7.11 3.78 2.38
C GLU A 27 -6.93 2.30 2.12
N ILE A 28 -6.25 1.98 1.03
CA ILE A 28 -5.95 0.60 0.69
C ILE A 28 -4.45 0.46 0.71
N GLY A 29 -3.92 -0.09 1.80
CA GLY A 29 -2.48 -0.26 1.92
C GLY A 29 -1.98 -0.09 3.34
N LYS A 30 -0.73 -0.47 3.56
CA LYS A 30 -0.05 -0.40 4.86
C LYS A 30 -0.95 -0.67 6.06
N ASN A 31 -1.57 -1.85 6.03
CA ASN A 31 -2.48 -2.31 7.07
C ASN A 31 -1.77 -2.72 8.36
N ILE A 32 -2.27 -2.20 9.46
CA ILE A 32 -1.76 -2.52 10.79
C ILE A 32 -2.79 -2.00 11.77
N THR A 33 -3.27 -2.90 12.62
CA THR A 33 -4.30 -2.55 13.59
C THR A 33 -3.86 -3.03 14.97
N VAL A 34 -3.96 -2.14 15.95
CA VAL A 34 -3.56 -2.50 17.30
C VAL A 34 -4.78 -2.79 18.16
N PHE A 35 -4.72 -3.88 18.91
CA PHE A 35 -5.81 -4.24 19.82
C PHE A 35 -5.26 -4.26 21.25
N ARG A 36 -6.04 -3.75 22.19
CA ARG A 36 -5.61 -3.70 23.57
C ARG A 36 -6.72 -3.87 24.61
N PHE A 37 -6.38 -4.60 25.66
CA PHE A 37 -7.28 -4.79 26.78
C PHE A 37 -6.41 -4.61 28.02
N ARG A 38 -6.73 -3.58 28.81
CA ARG A 38 -5.96 -3.28 30.01
C ARG A 38 -4.51 -3.00 29.63
N ASP A 39 -3.58 -3.85 30.06
CA ASP A 39 -2.18 -3.64 29.72
C ASP A 39 -1.56 -4.64 28.74
N GLU A 40 -2.39 -5.32 27.96
CA GLU A 40 -1.86 -6.27 26.98
C GLU A 40 -2.28 -5.89 25.57
N ILE A 41 -1.31 -5.91 24.68
CA ILE A 41 -1.52 -5.54 23.28
C ILE A 41 -1.11 -6.64 22.32
N PHE A 42 -1.77 -6.66 21.17
CA PHE A 42 -1.41 -7.57 20.11
C PHE A 42 -1.67 -6.75 18.84
N VAL A 43 -0.85 -6.97 17.82
CA VAL A 43 -0.97 -6.23 16.59
C VAL A 43 -1.41 -7.15 15.44
N LEU A 44 -2.27 -6.63 14.57
CA LEU A 44 -2.73 -7.39 13.42
C LEU A 44 -2.07 -6.80 12.18
N ASP A 45 -1.13 -7.56 11.61
CA ASP A 45 -0.38 -7.17 10.42
C ASP A 45 0.50 -5.92 10.56
N GLY A 46 1.32 -5.70 9.55
CA GLY A 46 2.21 -4.54 9.50
C GLY A 46 2.66 -4.37 8.06
N GLY A 47 1.76 -3.93 7.20
CA GLY A 47 2.11 -3.79 5.80
C GLY A 47 2.73 -2.46 5.37
N LEU A 48 3.00 -2.37 4.08
CA LEU A 48 3.56 -1.16 3.50
C LEU A 48 2.53 -0.69 2.48
N ALA A 49 2.83 0.41 1.82
CA ALA A 49 1.95 0.92 0.78
C ALA A 49 2.91 1.29 -0.34
N PHE A 50 2.51 1.03 -1.57
CA PHE A 50 3.35 1.38 -2.70
C PHE A 50 3.08 2.84 -3.05
N PRO A 51 4.10 3.56 -3.49
CA PRO A 51 3.89 4.97 -3.84
C PRO A 51 3.37 5.06 -5.26
N GLU A 52 2.47 6.00 -5.50
CA GLU A 52 1.95 6.23 -6.84
C GLU A 52 2.98 7.10 -7.55
N GLU A 53 2.98 7.07 -8.88
CA GLU A 53 3.93 7.90 -9.63
C GLU A 53 3.64 9.34 -9.24
N GLY A 54 4.59 10.23 -9.50
CA GLY A 54 4.40 11.62 -9.13
C GLY A 54 5.15 11.81 -7.83
N MSE A 55 5.52 10.70 -7.22
CA MSE A 55 6.28 10.69 -5.97
C MSE A 55 7.57 9.94 -6.28
O MSE A 55 7.87 8.92 -5.64
CB MSE A 55 5.48 9.97 -4.88
CG MSE A 55 5.87 10.36 -3.45
SE MSE A 55 4.94 9.29 -2.11
CE MSE A 55 3.12 9.56 -2.70
N PRO A 56 8.34 10.40 -7.28
CA PRO A 56 9.61 9.79 -7.69
C PRO A 56 10.62 9.70 -6.56
N GLY A 57 11.48 8.70 -6.62
CA GLY A 57 12.49 8.54 -5.60
C GLY A 57 12.01 7.69 -4.44
N VAL A 58 10.72 7.76 -4.14
CA VAL A 58 10.14 6.99 -3.05
C VAL A 58 9.93 5.54 -3.47
N ASP A 59 10.48 4.60 -2.73
CA ASP A 59 10.32 3.19 -3.05
C ASP A 59 9.09 2.57 -2.40
N LEU A 60 8.80 2.97 -1.17
CA LEU A 60 7.64 2.44 -0.47
C LEU A 60 7.29 3.26 0.78
N LEU A 61 6.06 3.09 1.26
CA LEU A 61 5.59 3.81 2.43
C LEU A 61 5.30 2.85 3.58
N ILE A 62 5.59 3.30 4.80
CA ILE A 62 5.35 2.48 5.97
C ILE A 62 4.62 3.30 7.02
N PRO A 63 3.82 2.64 7.85
CA PRO A 63 3.05 3.28 8.92
C PRO A 63 3.96 3.77 10.04
N ARG A 64 3.60 4.89 10.66
CA ARG A 64 4.37 5.38 11.79
C ARG A 64 3.84 4.60 12.99
N VAL A 65 4.74 4.03 13.78
CA VAL A 65 4.32 3.23 14.92
C VAL A 65 4.78 3.77 16.28
N ASP A 66 4.62 5.08 16.50
CA ASP A 66 5.04 5.70 17.76
C ASP A 66 4.38 5.01 18.94
N TYR A 67 3.08 4.76 18.83
CA TYR A 67 2.31 4.13 19.89
C TYR A 67 2.87 2.78 20.29
N LEU A 68 3.34 2.01 19.32
CA LEU A 68 3.88 0.68 19.59
C LEU A 68 5.30 0.75 20.16
N ILE A 69 6.08 1.72 19.70
CA ILE A 69 7.45 1.90 20.17
C ILE A 69 7.42 2.29 21.65
N GLU A 70 6.41 3.07 22.03
CA GLU A 70 6.25 3.52 23.40
C GLU A 70 5.72 2.42 24.31
N HIS A 71 4.80 1.61 23.80
CA HIS A 71 4.19 0.54 24.59
C HIS A 71 4.70 -0.85 24.23
N ARG A 72 5.90 -0.94 23.67
CA ARG A 72 6.46 -2.23 23.29
C ARG A 72 6.32 -3.32 24.35
N HIS A 73 6.60 -2.96 25.60
CA HIS A 73 6.52 -3.94 26.68
C HIS A 73 5.16 -4.64 26.80
N LYS A 74 4.09 -3.95 26.41
CA LYS A 74 2.75 -4.51 26.48
C LYS A 74 2.37 -5.41 25.30
N ILE A 75 3.19 -5.45 24.26
CA ILE A 75 2.90 -6.26 23.09
C ILE A 75 3.15 -7.75 23.38
N LYS A 76 2.07 -8.54 23.37
CA LYS A 76 2.17 -9.95 23.66
C LYS A 76 2.24 -10.83 22.41
N ALA A 77 1.97 -10.24 21.25
CA ALA A 77 2.01 -10.99 20.00
C ALA A 77 1.74 -10.13 18.78
N TRP A 78 2.20 -10.62 17.63
CA TRP A 78 1.97 -9.94 16.36
C TRP A 78 1.36 -11.02 15.49
N VAL A 79 0.20 -10.73 14.90
CA VAL A 79 -0.50 -11.70 14.07
C VAL A 79 -0.59 -11.21 12.63
N LEU A 80 -0.21 -12.08 11.69
CA LEU A 80 -0.21 -11.75 10.27
C LEU A 80 -1.24 -12.63 9.54
N THR A 81 -2.15 -11.98 8.81
CA THR A 81 -3.23 -12.68 8.10
C THR A 81 -2.85 -13.32 6.76
N HIS A 82 -1.86 -12.74 6.07
CA HIS A 82 -1.37 -13.28 4.80
C HIS A 82 -0.12 -12.55 4.32
N GLY A 83 0.51 -13.10 3.29
CA GLY A 83 1.76 -12.54 2.79
C GLY A 83 1.82 -11.41 1.79
N HIS A 84 0.71 -10.69 1.58
CA HIS A 84 0.72 -9.56 0.65
C HIS A 84 1.57 -8.43 1.23
N GLU A 85 2.27 -7.70 0.37
CA GLU A 85 3.12 -6.59 0.80
C GLU A 85 2.41 -5.58 1.70
N ASP A 86 1.12 -5.36 1.47
CA ASP A 86 0.43 -4.38 2.30
C ASP A 86 -0.08 -4.94 3.63
N HIS A 87 0.47 -6.10 4.02
CA HIS A 87 0.12 -6.72 5.29
C HIS A 87 1.37 -7.17 6.05
N ILE A 88 2.44 -7.49 5.34
CA ILE A 88 3.68 -7.86 6.01
C ILE A 88 4.86 -7.06 5.49
N GLY A 89 4.65 -6.39 4.37
CA GLY A 89 5.72 -5.60 3.75
C GLY A 89 6.44 -4.57 4.61
N GLY A 90 5.82 -4.12 5.69
CA GLY A 90 6.47 -3.12 6.52
C GLY A 90 7.28 -3.66 7.69
N LEU A 91 7.02 -4.91 8.03
CA LEU A 91 7.69 -5.56 9.15
C LEU A 91 9.23 -5.46 9.21
N PRO A 92 9.90 -5.57 8.05
CA PRO A 92 11.36 -5.47 8.07
C PRO A 92 11.84 -4.14 8.63
N PHE A 93 10.99 -3.12 8.54
CA PHE A 93 11.32 -1.78 9.03
C PHE A 93 10.76 -1.55 10.44
N LEU A 94 9.50 -1.93 10.62
CA LEU A 94 8.80 -1.74 11.90
C LEU A 94 9.34 -2.54 13.09
N LEU A 95 9.66 -3.81 12.89
CA LEU A 95 10.18 -4.63 13.98
C LEU A 95 11.43 -4.00 14.62
N PRO A 96 12.43 -3.62 13.80
CA PRO A 96 13.63 -3.01 14.39
C PRO A 96 13.33 -1.68 15.07
N MSE A 97 12.31 -0.97 14.58
CA MSE A 97 11.92 0.31 15.17
C MSE A 97 11.28 0.12 16.54
O MSE A 97 11.43 0.96 17.43
CB MSE A 97 10.92 1.03 14.27
CG MSE A 97 11.49 1.61 12.98
SE MSE A 97 10.10 2.36 11.84
CE MSE A 97 9.45 3.77 13.00
N ILE A 98 10.57 -0.98 16.70
CA ILE A 98 9.87 -1.27 17.95
C ILE A 98 10.66 -2.08 18.97
N PHE A 99 11.26 -3.19 18.53
CA PHE A 99 12.01 -4.07 19.43
C PHE A 99 13.52 -4.02 19.26
N GLY A 100 13.98 -3.55 18.11
CA GLY A 100 15.41 -3.52 17.87
C GLY A 100 15.81 -4.67 16.97
N LYS A 101 17.04 -5.14 17.11
CA LYS A 101 17.57 -6.23 16.30
C LYS A 101 16.99 -7.60 16.63
N GLU A 102 16.39 -7.73 17.82
CA GLU A 102 15.81 -9.00 18.23
C GLU A 102 14.63 -8.80 19.16
N SER A 103 13.81 -9.84 19.27
CA SER A 103 12.66 -9.80 20.14
C SER A 103 12.15 -11.20 20.41
N PRO A 104 11.57 -11.42 21.61
CA PRO A 104 11.01 -12.71 22.05
C PRO A 104 9.55 -12.81 21.67
N VAL A 105 8.96 -11.66 21.34
CA VAL A 105 7.54 -11.58 21.00
C VAL A 105 7.08 -12.54 19.91
N PRO A 106 6.03 -13.31 20.18
CA PRO A 106 5.51 -14.27 19.20
C PRO A 106 4.91 -13.56 17.98
N ILE A 107 5.39 -13.94 16.79
CA ILE A 107 4.90 -13.39 15.54
C ILE A 107 4.27 -14.55 14.80
N TYR A 108 2.94 -14.64 14.85
CA TYR A 108 2.20 -15.72 14.22
C TYR A 108 1.84 -15.50 12.75
N GLY A 109 1.84 -16.59 12.00
CA GLY A 109 1.51 -16.53 10.59
C GLY A 109 1.54 -17.92 9.98
N ALA A 110 0.89 -18.09 8.84
CA ALA A 110 0.86 -19.37 8.16
C ALA A 110 2.20 -19.64 7.49
N ARG A 111 2.40 -20.88 7.04
CA ARG A 111 3.65 -21.27 6.40
C ARG A 111 4.13 -20.32 5.30
N LEU A 112 3.28 -20.04 4.32
CA LEU A 112 3.68 -19.15 3.24
C LEU A 112 3.90 -17.72 3.72
N THR A 113 3.04 -17.26 4.61
CA THR A 113 3.15 -15.91 5.15
C THR A 113 4.52 -15.73 5.80
N LEU A 114 4.88 -16.65 6.70
CA LEU A 114 6.18 -16.54 7.37
C LEU A 114 7.32 -16.83 6.40
N GLY A 115 7.07 -17.70 5.42
CA GLY A 115 8.09 -18.01 4.45
C GLY A 115 8.53 -16.74 3.73
N LEU A 116 7.57 -15.96 3.26
CA LEU A 116 7.87 -14.72 2.56
C LEU A 116 8.49 -13.71 3.52
N LEU A 117 7.99 -13.66 4.74
CA LEU A 117 8.52 -12.73 5.73
C LEU A 117 10.03 -12.98 5.99
N ARG A 118 10.40 -14.25 6.19
CA ARG A 118 11.81 -14.58 6.43
C ARG A 118 12.67 -14.14 5.26
N GLY A 119 12.15 -14.33 4.05
CA GLY A 119 12.90 -13.94 2.87
C GLY A 119 13.27 -12.47 2.92
N LYS A 120 12.32 -11.67 3.36
CA LYS A 120 12.51 -10.22 3.48
C LYS A 120 13.41 -9.84 4.65
N LEU A 121 13.14 -10.40 5.82
CA LEU A 121 13.94 -10.09 7.00
C LEU A 121 15.40 -10.38 6.69
N GLU A 122 15.66 -11.58 6.16
CA GLU A 122 17.01 -11.98 5.81
C GLU A 122 17.61 -10.91 4.89
N GLU A 123 16.85 -10.52 3.88
CA GLU A 123 17.28 -9.51 2.92
C GLU A 123 17.67 -8.18 3.56
N PHE A 124 17.23 -7.95 4.79
CA PHE A 124 17.56 -6.70 5.51
C PHE A 124 18.66 -6.87 6.54
N GLY A 125 19.28 -8.04 6.56
CA GLY A 125 20.34 -8.27 7.51
C GLY A 125 19.87 -8.80 8.85
N LEU A 126 18.57 -9.05 8.98
CA LEU A 126 18.04 -9.56 10.23
C LEU A 126 18.40 -11.03 10.38
N ARG A 127 19.23 -11.32 11.38
CA ARG A 127 19.68 -12.67 11.65
C ARG A 127 18.53 -13.66 11.68
N PRO A 128 18.76 -14.88 11.16
CA PRO A 128 17.73 -15.93 11.13
C PRO A 128 17.41 -16.36 12.56
N GLY A 129 16.15 -16.18 12.96
CA GLY A 129 15.77 -16.56 14.30
C GLY A 129 15.88 -15.40 15.29
N ALA A 130 16.24 -14.24 14.77
CA ALA A 130 16.35 -13.05 15.61
C ALA A 130 14.97 -12.80 16.19
N PHE A 131 13.95 -12.97 15.34
CA PHE A 131 12.57 -12.78 15.77
C PHE A 131 11.87 -14.12 15.92
N ASN A 132 10.94 -14.16 16.87
CA ASN A 132 10.20 -15.38 17.20
C ASN A 132 8.98 -15.64 16.32
N LEU A 133 9.20 -16.23 15.15
CA LEU A 133 8.12 -16.54 14.21
C LEU A 133 7.49 -17.89 14.52
N LYS A 134 6.20 -17.89 14.85
CA LYS A 134 5.49 -19.12 15.18
C LYS A 134 4.54 -19.52 14.06
N GLU A 135 4.91 -20.55 13.30
CA GLU A 135 4.06 -21.00 12.20
C GLU A 135 2.78 -21.66 12.71
N ILE A 136 1.65 -21.20 12.19
CA ILE A 136 0.39 -21.76 12.57
C ILE A 136 -0.41 -22.09 11.32
N SER A 137 -1.54 -22.77 11.53
CA SER A 137 -2.40 -23.12 10.42
C SER A 137 -3.33 -21.95 10.13
N PRO A 138 -3.81 -21.81 8.87
CA PRO A 138 -4.71 -20.72 8.51
C PRO A 138 -6.00 -20.81 9.34
N ASP A 139 -6.23 -21.97 9.94
CA ASP A 139 -7.42 -22.20 10.74
C ASP A 139 -7.14 -22.43 12.23
N ASP A 140 -5.95 -22.04 12.66
CA ASP A 140 -5.55 -22.23 14.04
C ASP A 140 -6.24 -21.40 15.11
N ARG A 141 -6.03 -21.80 16.35
CA ARG A 141 -6.54 -21.09 17.51
C ARG A 141 -5.32 -20.80 18.37
N ILE A 142 -5.18 -19.55 18.80
CA ILE A 142 -4.04 -19.19 19.63
C ILE A 142 -4.46 -18.27 20.78
N GLN A 143 -3.80 -18.44 21.92
CA GLN A 143 -4.07 -17.64 23.11
C GLN A 143 -3.05 -16.50 23.11
N VAL A 144 -3.51 -15.27 23.27
CA VAL A 144 -2.62 -14.12 23.30
C VAL A 144 -2.75 -13.41 24.65
N GLY A 145 -1.79 -13.66 25.52
CA GLY A 145 -1.83 -13.03 26.83
C GLY A 145 -2.95 -13.65 27.66
N ARG A 146 -3.53 -12.85 28.55
CA ARG A 146 -4.61 -13.34 29.40
C ARG A 146 -6.01 -12.98 28.91
N TYR A 147 -6.09 -12.06 27.95
CA TYR A 147 -7.38 -11.59 27.51
C TYR A 147 -7.87 -11.91 26.11
N PHE A 148 -6.96 -12.28 25.21
CA PHE A 148 -7.36 -12.55 23.84
C PHE A 148 -7.21 -13.98 23.35
N THR A 149 -8.29 -14.53 22.80
CA THR A 149 -8.26 -15.87 22.24
C THR A 149 -8.58 -15.65 20.77
N LEU A 150 -7.61 -15.96 19.90
CA LEU A 150 -7.81 -15.75 18.47
C LEU A 150 -8.08 -17.03 17.69
N ASP A 151 -9.18 -17.02 16.94
CA ASP A 151 -9.55 -18.15 16.11
C ASP A 151 -9.50 -17.75 14.65
N LEU A 152 -8.38 -18.05 14.01
CA LEU A 152 -8.19 -17.73 12.61
C LEU A 152 -9.01 -18.68 11.74
N PHE A 153 -9.42 -18.20 10.57
CA PHE A 153 -10.16 -19.04 9.64
C PHE A 153 -9.74 -18.71 8.22
N ARG A 154 -9.57 -19.75 7.40
CA ARG A 154 -9.14 -19.58 6.03
C ARG A 154 -10.18 -18.91 5.15
N MSE A 155 -9.71 -17.94 4.37
CA MSE A 155 -10.56 -17.21 3.45
C MSE A 155 -9.86 -17.18 2.10
O MSE A 155 -8.65 -16.96 2.03
CB MSE A 155 -10.80 -15.79 3.94
CG MSE A 155 -11.63 -15.70 5.21
SE MSE A 155 -13.46 -16.31 4.94
CE MSE A 155 -14.31 -14.55 4.89
N THR A 156 -10.60 -17.44 1.03
CA THR A 156 -10.02 -17.39 -0.30
C THR A 156 -9.64 -15.94 -0.60
N HIS A 157 -8.50 -15.75 -1.25
CA HIS A 157 -8.01 -14.42 -1.58
C HIS A 157 -7.02 -14.51 -2.74
N SER A 158 -6.24 -13.46 -2.96
CA SER A 158 -5.28 -13.46 -4.06
C SER A 158 -3.90 -14.01 -3.69
N ILE A 159 -3.84 -14.70 -2.56
CA ILE A 159 -2.61 -15.35 -2.12
C ILE A 159 -3.01 -16.52 -1.22
N PRO A 160 -2.30 -17.66 -1.32
CA PRO A 160 -2.65 -18.81 -0.47
C PRO A 160 -2.39 -18.49 1.00
N ASP A 161 -2.89 -19.34 1.89
CA ASP A 161 -2.67 -19.17 3.32
C ASP A 161 -3.18 -17.82 3.85
N ASN A 162 -4.36 -17.43 3.41
CA ASN A 162 -4.94 -16.17 3.85
C ASN A 162 -6.01 -16.41 4.91
N SER A 163 -6.01 -15.58 5.96
CA SER A 163 -6.97 -15.72 7.01
C SER A 163 -7.75 -14.47 7.48
N GLY A 164 -8.95 -14.78 7.97
CA GLY A 164 -9.62 -13.82 8.86
C GLY A 164 -9.42 -14.36 10.31
N VAL A 165 -9.94 -13.60 11.28
CA VAL A 165 -9.85 -14.02 12.63
C VAL A 165 -10.98 -13.58 13.52
N VAL A 166 -11.46 -14.55 14.30
CA VAL A 166 -12.50 -14.29 15.27
C VAL A 166 -11.73 -13.91 16.55
N ILE A 167 -11.88 -12.68 17.00
CA ILE A 167 -11.18 -12.21 18.18
C ILE A 167 -12.10 -12.22 19.39
N ARG A 168 -11.86 -13.18 20.28
CA ARG A 168 -12.66 -13.28 21.49
C ARG A 168 -11.96 -12.51 22.60
N THR A 169 -12.71 -11.60 23.23
CA THR A 169 -12.19 -10.76 24.31
C THR A 169 -13.06 -10.93 25.55
N PRO A 170 -12.67 -10.32 26.66
CA PRO A 170 -13.45 -10.42 27.89
C PRO A 170 -14.83 -9.75 27.80
N ILE A 171 -14.98 -8.81 26.88
CA ILE A 171 -16.25 -8.10 26.72
C ILE A 171 -17.04 -8.49 25.48
N GLY A 172 -16.60 -9.53 24.77
CA GLY A 172 -17.31 -9.93 23.56
C GLY A 172 -16.44 -10.30 22.38
N THR A 173 -17.08 -10.78 21.32
CA THR A 173 -16.38 -11.21 20.11
C THR A 173 -16.29 -10.17 19.01
N ILE A 174 -15.11 -10.07 18.43
CA ILE A 174 -14.87 -9.16 17.32
C ILE A 174 -14.53 -10.06 16.13
N VAL A 175 -15.25 -9.91 15.03
CA VAL A 175 -14.93 -10.71 13.86
C VAL A 175 -14.18 -9.84 12.85
N HIS A 176 -13.00 -10.28 12.45
CA HIS A 176 -12.24 -9.55 11.44
C HIS A 176 -12.23 -10.48 10.23
N THR A 177 -12.88 -10.06 9.14
CA THR A 177 -12.94 -10.88 7.94
C THR A 177 -11.58 -11.03 7.26
N GLY A 178 -10.65 -10.14 7.59
CA GLY A 178 -9.37 -10.17 6.92
C GLY A 178 -9.68 -9.79 5.47
N ASP A 179 -8.72 -9.95 4.57
CA ASP A 179 -8.94 -9.65 3.15
C ASP A 179 -9.61 -10.90 2.58
N PHE A 180 -10.69 -10.73 1.83
CA PHE A 180 -11.36 -11.91 1.29
C PHE A 180 -12.36 -11.71 0.18
N LYS A 181 -12.68 -12.83 -0.44
CA LYS A 181 -13.71 -12.92 -1.45
C LYS A 181 -14.16 -14.36 -1.20
N LEU A 182 -15.31 -14.73 -1.72
CA LEU A 182 -15.78 -16.09 -1.51
C LEU A 182 -15.68 -16.82 -2.85
N ASP A 183 -14.45 -17.18 -3.22
CA ASP A 183 -14.17 -17.88 -4.47
C ASP A 183 -14.67 -19.31 -4.35
N PRO A 184 -15.65 -19.70 -5.18
CA PRO A 184 -16.18 -21.05 -5.10
C PRO A 184 -15.24 -22.09 -5.73
N THR A 185 -14.29 -21.61 -6.53
CA THR A 185 -13.35 -22.51 -7.19
C THR A 185 -11.91 -21.98 -7.22
N PRO A 186 -11.28 -21.86 -6.04
CA PRO A 186 -9.90 -21.37 -5.98
C PRO A 186 -8.92 -22.32 -6.68
N ILE A 187 -7.89 -21.72 -7.26
CA ILE A 187 -6.84 -22.42 -8.00
C ILE A 187 -6.08 -23.48 -7.23
N ASP A 188 -6.03 -23.34 -5.91
CA ASP A 188 -5.33 -24.32 -5.07
C ASP A 188 -6.32 -25.28 -4.41
N GLY A 189 -7.58 -25.18 -4.79
CA GLY A 189 -8.60 -26.06 -4.22
C GLY A 189 -8.87 -25.87 -2.73
N LYS A 190 -8.46 -24.75 -2.16
CA LYS A 190 -8.69 -24.50 -0.73
C LYS A 190 -9.78 -23.44 -0.53
N VAL A 191 -11.01 -23.89 -0.33
CA VAL A 191 -12.15 -23.00 -0.16
C VAL A 191 -12.17 -22.32 1.21
N SER A 192 -12.94 -21.24 1.32
CA SER A 192 -13.06 -20.52 2.58
C SER A 192 -13.69 -21.41 3.65
N HIS A 193 -13.32 -21.17 4.90
CA HIS A 193 -13.85 -21.93 6.02
C HIS A 193 -14.66 -20.95 6.85
N LEU A 194 -15.98 -21.08 6.75
CA LEU A 194 -16.92 -20.18 7.42
C LEU A 194 -17.57 -20.68 8.70
N ALA A 195 -17.27 -21.93 9.09
CA ALA A 195 -17.85 -22.51 10.30
C ALA A 195 -17.67 -21.60 11.53
N LYS A 196 -16.43 -21.18 11.78
CA LYS A 196 -16.16 -20.32 12.92
C LYS A 196 -16.91 -19.00 12.83
N VAL A 197 -17.01 -18.44 11.63
CA VAL A 197 -17.72 -17.18 11.44
C VAL A 197 -19.23 -17.32 11.68
N ALA A 198 -19.83 -18.34 11.08
CA ALA A 198 -21.26 -18.56 11.26
C ALA A 198 -21.57 -18.83 12.73
N GLN A 199 -20.72 -19.64 13.35
CA GLN A 199 -20.88 -19.99 14.76
C GLN A 199 -20.80 -18.73 15.62
N ALA A 200 -19.83 -17.88 15.34
CA ALA A 200 -19.68 -16.63 16.07
C ALA A 200 -20.95 -15.82 15.91
N GLY A 201 -21.48 -15.81 14.69
CA GLY A 201 -22.71 -15.08 14.42
C GLY A 201 -23.86 -15.54 15.30
N ALA A 202 -24.03 -16.87 15.39
CA ALA A 202 -25.11 -17.43 16.21
C ALA A 202 -24.99 -17.15 17.70
N GLU A 203 -23.75 -17.02 18.20
CA GLU A 203 -23.51 -16.75 19.62
C GLU A 203 -23.66 -15.26 19.88
N GLY A 204 -23.39 -14.47 18.85
CA GLY A 204 -23.50 -13.03 18.98
C GLY A 204 -22.18 -12.35 18.72
N VAL A 205 -22.14 -11.53 17.68
CA VAL A 205 -20.93 -10.79 17.34
C VAL A 205 -21.10 -9.33 17.78
N LEU A 206 -20.19 -8.87 18.62
CA LEU A 206 -20.23 -7.51 19.12
C LEU A 206 -19.77 -6.50 18.07
N LEU A 207 -18.66 -6.81 17.40
CA LEU A 207 -18.12 -5.92 16.38
C LEU A 207 -17.63 -6.67 15.15
N LEU A 208 -17.93 -6.12 13.99
CA LEU A 208 -17.49 -6.68 12.72
C LEU A 208 -16.55 -5.69 12.05
N ILE A 209 -15.38 -6.19 11.65
CA ILE A 209 -14.41 -5.39 10.93
C ILE A 209 -14.32 -6.14 9.61
N ALA A 210 -14.76 -5.52 8.53
CA ALA A 210 -14.78 -6.22 7.24
C ALA A 210 -14.20 -5.46 6.05
N ASP A 211 -13.66 -6.25 5.12
CA ASP A 211 -13.02 -5.80 3.88
C ASP A 211 -14.01 -5.04 2.99
N ALA A 212 -13.78 -3.74 2.84
CA ALA A 212 -14.65 -2.85 2.07
C ALA A 212 -14.22 -2.55 0.63
N THR A 213 -13.10 -3.13 0.20
CA THR A 213 -12.57 -2.91 -1.14
C THR A 213 -13.61 -2.78 -2.26
N ASN A 214 -14.50 -3.76 -2.39
CA ASN A 214 -15.50 -3.75 -3.46
C ASN A 214 -16.93 -3.52 -3.03
N ALA A 215 -17.12 -2.78 -1.94
CA ALA A 215 -18.45 -2.52 -1.42
C ALA A 215 -19.35 -1.76 -2.39
N GLU A 216 -18.77 -1.18 -3.43
CA GLU A 216 -19.53 -0.44 -4.44
C GLU A 216 -20.02 -1.37 -5.54
N ARG A 217 -19.44 -2.56 -5.59
CA ARG A 217 -19.75 -3.52 -6.64
C ARG A 217 -20.84 -4.55 -6.38
N PRO A 218 -21.88 -4.56 -7.24
CA PRO A 218 -23.00 -5.51 -7.14
C PRO A 218 -22.49 -6.87 -7.56
N GLY A 219 -23.24 -7.91 -7.22
CA GLY A 219 -22.85 -9.25 -7.63
C GLY A 219 -21.75 -9.90 -6.85
N TYR A 220 -21.02 -10.76 -7.53
CA TYR A 220 -19.93 -11.50 -6.91
C TYR A 220 -18.67 -11.38 -7.73
N THR A 221 -17.53 -11.41 -7.05
CA THR A 221 -16.25 -11.29 -7.72
C THR A 221 -15.98 -12.58 -8.49
N PRO A 222 -15.49 -12.46 -9.74
CA PRO A 222 -15.19 -13.65 -10.54
C PRO A 222 -14.13 -14.50 -9.86
N SER A 223 -14.21 -15.81 -10.08
CA SER A 223 -13.26 -16.75 -9.52
C SER A 223 -11.91 -16.64 -10.21
N GLU A 224 -10.86 -16.95 -9.48
CA GLU A 224 -9.52 -16.94 -10.04
C GLU A 224 -9.47 -17.98 -11.16
N MSE A 225 -10.39 -18.95 -11.12
CA MSE A 225 -10.43 -19.99 -12.15
C MSE A 225 -10.88 -19.40 -13.50
O MSE A 225 -10.41 -19.84 -14.55
CB MSE A 225 -11.36 -21.12 -11.74
CG MSE A 225 -11.26 -22.39 -12.60
SE MSE A 225 -9.52 -23.28 -12.51
CE MSE A 225 -9.70 -24.23 -10.84
N GLU A 226 -11.79 -18.44 -13.46
CA GLU A 226 -12.28 -17.78 -14.68
C GLU A 226 -11.12 -17.08 -15.37
N ILE A 227 -10.30 -16.41 -14.57
CA ILE A 227 -9.14 -15.70 -15.10
C ILE A 227 -8.12 -16.68 -15.66
N ALA A 228 -7.87 -17.76 -14.92
CA ALA A 228 -6.92 -18.75 -15.38
C ALA A 228 -7.34 -19.25 -16.75
N LYS A 229 -8.63 -19.52 -16.92
CA LYS A 229 -9.14 -19.99 -18.20
C LYS A 229 -9.05 -18.92 -19.29
N GLU A 230 -9.30 -17.66 -18.91
CA GLU A 230 -9.22 -16.58 -19.88
C GLU A 230 -7.76 -16.31 -20.27
N LEU A 231 -6.85 -16.50 -19.32
CA LEU A 231 -5.43 -16.29 -19.57
C LEU A 231 -4.94 -17.38 -20.52
N ASP A 232 -5.48 -18.58 -20.33
CA ASP A 232 -5.15 -19.73 -21.16
C ASP A 232 -5.58 -19.37 -22.58
N ARG A 233 -6.79 -18.83 -22.67
CA ARG A 233 -7.40 -18.43 -23.93
C ARG A 233 -6.62 -17.38 -24.73
N VAL A 234 -6.26 -16.27 -24.08
CA VAL A 234 -5.55 -15.20 -24.81
C VAL A 234 -4.09 -15.54 -25.08
N ILE A 235 -3.47 -16.29 -24.18
CA ILE A 235 -2.07 -16.66 -24.38
C ILE A 235 -1.99 -17.68 -25.52
N GLY A 236 -2.99 -18.55 -25.60
CA GLY A 236 -2.99 -19.55 -26.66
C GLY A 236 -3.04 -18.94 -28.05
N ARG A 237 -3.65 -17.77 -28.17
CA ARG A 237 -3.76 -17.09 -29.46
C ARG A 237 -2.66 -16.08 -29.74
N ALA A 238 -1.78 -15.86 -28.77
CA ALA A 238 -0.69 -14.90 -28.95
C ALA A 238 0.26 -15.40 -30.04
N PRO A 239 0.58 -14.53 -31.03
CA PRO A 239 1.47 -14.86 -32.15
C PRO A 239 2.93 -15.07 -31.75
N GLY A 240 3.46 -14.17 -30.93
CA GLY A 240 4.84 -14.26 -30.50
C GLY A 240 5.03 -14.25 -29.01
N ARG A 241 5.91 -13.39 -28.52
CA ARG A 241 6.18 -13.32 -27.10
C ARG A 241 4.99 -12.84 -26.29
N VAL A 242 4.96 -13.24 -25.03
CA VAL A 242 3.90 -12.83 -24.12
C VAL A 242 4.54 -12.29 -22.85
N PHE A 243 4.19 -11.07 -22.49
CA PHE A 243 4.67 -10.48 -21.25
C PHE A 243 3.45 -10.43 -20.32
N VAL A 244 3.64 -10.73 -19.04
CA VAL A 244 2.55 -10.67 -18.08
C VAL A 244 3.05 -9.96 -16.82
N THR A 245 2.35 -8.91 -16.42
CA THR A 245 2.75 -8.16 -15.24
C THR A 245 1.73 -8.33 -14.13
N THR A 246 2.21 -8.41 -12.89
CA THR A 246 1.35 -8.54 -11.73
C THR A 246 2.23 -8.35 -10.50
N PHE A 247 1.61 -8.39 -9.32
CA PHE A 247 2.38 -8.22 -8.09
C PHE A 247 3.17 -9.49 -7.79
N ALA A 248 4.32 -9.33 -7.17
CA ALA A 248 5.17 -10.46 -6.85
C ALA A 248 4.50 -11.46 -5.91
N SER A 249 3.62 -10.96 -5.04
CA SER A 249 2.95 -11.82 -4.07
C SER A 249 1.67 -12.49 -4.55
N HIS A 250 1.28 -12.25 -5.79
CA HIS A 250 0.05 -12.87 -6.30
C HIS A 250 0.33 -14.27 -6.81
N ILE A 251 0.61 -15.15 -5.85
CA ILE A 251 0.95 -16.54 -6.11
C ILE A 251 -0.09 -17.30 -6.93
N HIS A 252 -1.38 -17.05 -6.69
CA HIS A 252 -2.41 -17.74 -7.46
C HIS A 252 -2.35 -17.34 -8.93
N ARG A 253 -2.25 -16.04 -9.19
CA ARG A 253 -2.18 -15.55 -10.56
C ARG A 253 -0.94 -16.08 -11.28
N ILE A 254 0.18 -16.09 -10.56
CA ILE A 254 1.43 -16.59 -11.11
C ILE A 254 1.28 -18.05 -11.54
N GLN A 255 0.61 -18.84 -10.71
CA GLN A 255 0.38 -20.25 -11.01
C GLN A 255 -0.47 -20.37 -12.26
N SER A 256 -1.47 -19.50 -12.36
CA SER A 256 -2.38 -19.49 -13.51
C SER A 256 -1.63 -19.19 -14.79
N VAL A 257 -0.74 -18.19 -14.72
CA VAL A 257 0.03 -17.82 -15.89
C VAL A 257 0.91 -19.00 -16.26
N ILE A 258 1.61 -19.55 -15.27
CA ILE A 258 2.49 -20.69 -15.49
C ILE A 258 1.75 -21.84 -16.17
N TRP A 259 0.53 -22.11 -15.73
CA TRP A 259 -0.26 -23.18 -16.34
C TRP A 259 -0.56 -22.88 -17.80
N ALA A 260 -0.94 -21.63 -18.08
CA ALA A 260 -1.26 -21.20 -19.44
C ALA A 260 -0.04 -21.32 -20.35
N ALA A 261 1.11 -20.87 -19.85
CA ALA A 261 2.34 -20.95 -20.62
C ALA A 261 2.66 -22.40 -20.96
N GLU A 262 2.58 -23.28 -19.97
CA GLU A 262 2.88 -24.69 -20.17
C GLU A 262 1.93 -25.41 -21.11
N LYS A 263 0.71 -24.91 -21.23
CA LYS A 263 -0.25 -25.55 -22.10
C LYS A 263 0.10 -25.36 -23.57
N TYR A 264 0.79 -24.28 -23.90
CA TYR A 264 1.14 -24.00 -25.28
C TYR A 264 2.63 -24.13 -25.58
N GLY A 265 3.32 -24.93 -24.77
CA GLY A 265 4.73 -25.18 -24.96
C GLY A 265 5.66 -24.02 -24.71
N ARG A 266 5.19 -23.00 -23.99
CA ARG A 266 6.04 -21.85 -23.71
C ARG A 266 6.86 -22.02 -22.44
N LYS A 267 8.07 -21.48 -22.47
CA LYS A 267 8.93 -21.54 -21.30
C LYS A 267 8.76 -20.21 -20.56
N VAL A 268 8.72 -20.28 -19.23
CA VAL A 268 8.52 -19.11 -18.41
C VAL A 268 9.78 -18.47 -17.84
N ALA A 269 10.03 -17.23 -18.23
CA ALA A 269 11.17 -16.48 -17.73
C ALA A 269 10.58 -15.52 -16.70
N MSE A 270 11.39 -15.06 -15.77
CA MSE A 270 10.90 -14.17 -14.72
C MSE A 270 11.85 -13.01 -14.46
O MSE A 270 13.06 -13.22 -14.33
CB MSE A 270 10.66 -14.99 -13.45
CG MSE A 270 9.83 -14.28 -12.40
SE MSE A 270 9.25 -15.47 -10.99
CE MSE A 270 7.87 -16.40 -11.95
N GLU A 271 11.30 -11.81 -14.40
CA GLU A 271 12.09 -10.60 -14.19
C GLU A 271 11.50 -9.84 -12.99
N GLY A 272 12.37 -9.39 -12.10
CA GLY A 272 11.93 -8.67 -10.92
C GLY A 272 12.35 -9.38 -9.64
N ARG A 273 13.39 -8.85 -9.01
CA ARG A 273 13.95 -9.40 -7.77
C ARG A 273 12.92 -9.98 -6.79
N SER A 274 11.99 -9.14 -6.36
CA SER A 274 10.97 -9.57 -5.41
C SER A 274 10.18 -10.78 -5.92
N MSE A 275 9.73 -10.74 -7.17
CA MSE A 275 8.96 -11.86 -7.68
C MSE A 275 9.78 -13.14 -7.83
O MSE A 275 9.26 -14.24 -7.66
CB MSE A 275 8.30 -11.50 -9.00
CG MSE A 275 7.41 -12.61 -9.52
SE MSE A 275 6.41 -12.06 -11.05
CE MSE A 275 7.89 -11.62 -12.17
N LEU A 276 11.06 -13.00 -8.17
CA LEU A 276 11.92 -14.16 -8.28
C LEU A 276 12.05 -14.76 -6.88
N LYS A 277 12.32 -13.89 -5.91
CA LYS A 277 12.48 -14.32 -4.53
C LYS A 277 11.22 -15.03 -4.00
N PHE A 278 10.06 -14.39 -4.14
CA PHE A 278 8.83 -14.97 -3.65
C PHE A 278 8.43 -16.26 -4.35
N SER A 279 8.66 -16.35 -5.65
CA SER A 279 8.33 -17.55 -6.40
C SER A 279 9.24 -18.72 -5.97
N ARG A 280 10.49 -18.41 -5.70
CA ARG A 280 11.47 -19.39 -5.25
C ARG A 280 10.93 -20.03 -3.97
N ILE A 281 10.57 -19.16 -3.02
CA ILE A 281 10.04 -19.60 -1.74
C ILE A 281 8.76 -20.42 -1.93
N ALA A 282 7.84 -19.92 -2.76
CA ALA A 282 6.59 -20.64 -3.03
C ALA A 282 6.86 -22.01 -3.66
N LEU A 283 7.84 -22.07 -4.54
CA LEU A 283 8.17 -23.35 -5.16
C LEU A 283 8.70 -24.29 -4.08
N GLU A 284 9.66 -23.81 -3.30
CA GLU A 284 10.25 -24.60 -2.22
C GLU A 284 9.21 -25.17 -1.27
N LEU A 285 8.28 -24.33 -0.85
CA LEU A 285 7.24 -24.74 0.10
C LEU A 285 6.09 -25.51 -0.54
N GLY A 286 6.10 -25.64 -1.85
CA GLY A 286 5.05 -26.38 -2.53
C GLY A 286 3.81 -25.63 -2.95
N TYR A 287 3.81 -24.30 -2.84
CA TYR A 287 2.63 -23.53 -3.23
C TYR A 287 2.58 -23.30 -4.74
N LEU A 288 3.74 -23.39 -5.39
CA LEU A 288 3.82 -23.24 -6.84
C LEU A 288 4.36 -24.53 -7.46
N LYS A 289 3.89 -24.84 -8.66
CA LYS A 289 4.34 -26.02 -9.38
C LYS A 289 4.67 -25.64 -10.83
N VAL A 290 5.84 -26.07 -11.28
CA VAL A 290 6.32 -25.79 -12.64
C VAL A 290 6.81 -27.08 -13.27
N LYS A 291 6.25 -27.45 -14.42
CA LYS A 291 6.63 -28.67 -15.12
C LYS A 291 8.13 -28.73 -15.43
N ASP A 292 8.67 -27.65 -15.96
CA ASP A 292 10.10 -27.60 -16.26
C ASP A 292 10.72 -26.81 -15.12
N ARG A 293 10.93 -25.52 -15.33
CA ARG A 293 11.49 -24.63 -14.31
C ARG A 293 11.35 -23.20 -14.79
N LEU A 294 11.67 -22.25 -13.91
CA LEU A 294 11.60 -20.84 -14.25
C LEU A 294 12.97 -20.41 -14.76
N TYR A 295 12.97 -19.70 -15.88
CA TYR A 295 14.22 -19.24 -16.48
C TYR A 295 14.45 -17.74 -16.32
N THR A 296 15.62 -17.29 -16.76
CA THR A 296 15.96 -15.87 -16.70
C THR A 296 15.79 -15.35 -18.11
N LEU A 297 15.88 -14.04 -18.30
CA LEU A 297 15.73 -13.46 -19.62
C LEU A 297 16.80 -13.97 -20.59
N GLU A 298 18.05 -14.00 -20.14
CA GLU A 298 19.15 -14.47 -20.97
C GLU A 298 18.93 -15.90 -21.46
N GLU A 299 18.59 -16.79 -20.55
CA GLU A 299 18.36 -18.20 -20.88
C GLU A 299 17.26 -18.40 -21.92
N VAL A 300 16.44 -17.38 -22.12
CA VAL A 300 15.33 -17.49 -23.06
C VAL A 300 15.47 -16.55 -24.25
N LYS A 301 16.47 -15.68 -24.21
CA LYS A 301 16.71 -14.70 -25.27
C LYS A 301 16.81 -15.27 -26.69
N ASP A 302 17.21 -16.54 -26.82
CA ASP A 302 17.37 -17.15 -28.13
C ASP A 302 16.30 -18.16 -28.54
N LEU A 303 15.18 -18.16 -27.84
CA LEU A 303 14.10 -19.07 -28.18
C LEU A 303 13.15 -18.38 -29.14
N PRO A 304 12.35 -19.14 -29.90
CA PRO A 304 11.40 -18.52 -30.83
C PRO A 304 10.42 -17.70 -30.00
N ASP A 305 9.97 -16.55 -30.52
CA ASP A 305 9.03 -15.70 -29.80
C ASP A 305 7.83 -16.48 -29.27
N HIS A 306 7.26 -17.33 -30.11
CA HIS A 306 6.09 -18.15 -29.77
C HIS A 306 6.29 -19.12 -28.62
N GLN A 307 7.53 -19.30 -28.19
CA GLN A 307 7.82 -20.22 -27.10
C GLN A 307 8.24 -19.52 -25.82
N VAL A 308 8.03 -18.21 -25.77
CA VAL A 308 8.43 -17.46 -24.58
C VAL A 308 7.32 -16.66 -23.90
N LEU A 309 7.28 -16.75 -22.58
CA LEU A 309 6.34 -15.99 -21.76
C LEU A 309 7.17 -15.43 -20.62
N ILE A 310 7.09 -14.11 -20.45
CA ILE A 310 7.83 -13.42 -19.40
C ILE A 310 6.87 -12.92 -18.33
N LEU A 311 7.22 -13.20 -17.08
CA LEU A 311 6.42 -12.78 -15.93
C LEU A 311 7.28 -11.69 -15.30
N ALA A 312 6.74 -10.50 -15.14
CA ALA A 312 7.54 -9.41 -14.59
C ALA A 312 6.80 -8.43 -13.68
N THR A 313 7.59 -7.74 -12.87
CA THR A 313 7.05 -6.74 -11.95
C THR A 313 8.18 -5.81 -11.56
N GLY A 314 7.87 -4.78 -10.78
CA GLY A 314 8.88 -3.83 -10.35
C GLY A 314 9.76 -4.41 -9.27
N SER A 315 10.85 -3.72 -8.95
CA SER A 315 11.80 -4.19 -7.94
C SER A 315 11.20 -4.41 -6.56
N GLN A 316 10.24 -3.56 -6.18
CA GLN A 316 9.60 -3.67 -4.87
C GLN A 316 8.40 -4.61 -4.90
N GLY A 317 8.13 -5.20 -6.05
CA GLY A 317 6.99 -6.12 -6.15
C GLY A 317 5.79 -5.60 -6.90
N GLN A 318 5.78 -4.31 -7.25
CA GLN A 318 4.66 -3.73 -8.00
C GLN A 318 5.02 -3.57 -9.48
N PRO A 319 4.07 -3.88 -10.38
CA PRO A 319 4.21 -3.81 -11.85
C PRO A 319 4.55 -2.46 -12.50
N MSE A 320 4.15 -1.35 -11.89
CA MSE A 320 4.37 -0.03 -12.48
C MSE A 320 5.76 0.30 -13.02
O MSE A 320 5.92 0.57 -14.21
CB MSE A 320 3.95 1.07 -11.51
CG MSE A 320 3.84 2.46 -12.15
SE MSE A 320 2.55 2.60 -13.62
CE MSE A 320 1.13 3.50 -12.71
N SER A 321 6.77 0.27 -12.15
CA SER A 321 8.12 0.61 -12.57
C SER A 321 8.61 -0.19 -13.78
N VAL A 322 8.18 -1.45 -13.90
CA VAL A 322 8.62 -2.26 -15.04
C VAL A 322 7.78 -1.98 -16.28
N LEU A 323 6.50 -1.64 -16.10
CA LEU A 323 5.65 -1.32 -17.24
C LEU A 323 6.09 0.04 -17.78
N HIS A 324 6.36 0.96 -16.87
CA HIS A 324 6.80 2.30 -17.25
C HIS A 324 8.11 2.27 -18.02
N ARG A 325 9.00 1.36 -17.63
CA ARG A 325 10.30 1.22 -18.30
C ARG A 325 10.18 0.55 -19.66
N LEU A 326 9.25 -0.40 -19.77
CA LEU A 326 9.03 -1.10 -21.02
C LEU A 326 8.43 -0.11 -22.01
N ALA A 327 7.71 0.87 -21.47
CA ALA A 327 7.05 1.87 -22.29
C ALA A 327 7.86 3.11 -22.64
N PHE A 328 8.50 3.72 -21.64
CA PHE A 328 9.26 4.95 -21.84
C PHE A 328 10.78 4.88 -21.72
N GLU A 329 11.28 5.12 -20.50
CA GLU A 329 12.73 5.12 -20.22
C GLU A 329 13.51 4.03 -20.93
N GLY A 330 12.93 2.84 -21.02
CA GLY A 330 13.61 1.73 -21.66
C GLY A 330 14.18 0.84 -20.57
N HIS A 331 14.06 -0.47 -20.77
CA HIS A 331 14.56 -1.43 -19.80
C HIS A 331 15.89 -1.99 -20.30
N ALA A 332 16.80 -2.23 -19.36
CA ALA A 332 18.13 -2.73 -19.70
C ALA A 332 18.20 -4.13 -20.27
N LYS A 333 17.38 -5.04 -19.76
CA LYS A 333 17.42 -6.44 -20.19
C LYS A 333 16.33 -6.90 -21.16
N MSE A 334 15.35 -6.04 -21.45
CA MSE A 334 14.28 -6.40 -22.37
C MSE A 334 13.62 -5.18 -22.99
O MSE A 334 13.65 -4.08 -22.43
CB MSE A 334 13.23 -7.26 -21.65
CG MSE A 334 12.67 -6.64 -20.38
SE MSE A 334 11.43 -7.84 -19.46
CE MSE A 334 10.91 -6.67 -18.01
N ALA A 335 13.03 -5.37 -24.17
CA ALA A 335 12.37 -4.28 -24.87
C ALA A 335 11.19 -4.76 -25.69
N ILE A 336 10.13 -3.96 -25.69
CA ILE A 336 8.94 -4.29 -26.45
C ILE A 336 9.21 -4.18 -27.95
N LYS A 337 8.64 -5.11 -28.73
CA LYS A 337 8.81 -5.09 -30.17
C LYS A 337 7.47 -5.43 -30.83
N PRO A 338 7.20 -4.89 -32.03
CA PRO A 338 5.94 -5.16 -32.72
C PRO A 338 5.62 -6.65 -32.72
N GLY A 339 4.41 -7.01 -32.31
CA GLY A 339 4.05 -8.41 -32.29
C GLY A 339 3.98 -8.98 -30.89
N ASP A 340 4.65 -8.33 -29.94
CA ASP A 340 4.62 -8.79 -28.57
C ASP A 340 3.21 -8.62 -28.03
N THR A 341 2.86 -9.46 -27.06
CA THR A 341 1.56 -9.38 -26.41
C THR A 341 1.87 -9.08 -24.95
N VAL A 342 1.28 -8.01 -24.42
CA VAL A 342 1.50 -7.64 -23.03
C VAL A 342 0.19 -7.71 -22.28
N ILE A 343 0.20 -8.45 -21.18
CA ILE A 343 -1.00 -8.62 -20.37
C ILE A 343 -0.80 -8.06 -18.97
N LEU A 344 -1.58 -7.02 -18.64
CA LEU A 344 -1.51 -6.41 -17.31
C LEU A 344 -2.48 -7.20 -16.43
N SER A 345 -1.97 -8.21 -15.74
CA SER A 345 -2.79 -9.05 -14.91
C SER A 345 -2.85 -8.61 -13.44
N SER A 346 -3.22 -7.34 -13.25
CA SER A 346 -3.37 -6.74 -11.94
C SER A 346 -4.01 -5.37 -12.13
N SER A 347 -4.56 -4.80 -11.05
CA SER A 347 -5.19 -3.49 -11.16
C SER A 347 -4.21 -2.45 -10.63
N PRO A 348 -4.34 -1.21 -11.10
CA PRO A 348 -3.45 -0.12 -10.64
C PRO A 348 -3.60 0.22 -9.17
N ILE A 349 -2.50 0.64 -8.57
CA ILE A 349 -2.47 1.07 -7.18
C ILE A 349 -3.35 2.31 -7.13
N PRO A 350 -4.03 2.57 -6.00
CA PRO A 350 -4.86 3.78 -5.97
C PRO A 350 -4.00 4.99 -6.32
N GLY A 351 -4.45 5.78 -7.29
CA GLY A 351 -3.69 6.95 -7.70
C GLY A 351 -2.83 6.74 -8.93
N ASN A 352 -2.84 5.53 -9.48
CA ASN A 352 -2.03 5.23 -10.66
C ASN A 352 -2.84 4.83 -11.88
N GLU A 353 -4.16 4.90 -11.76
CA GLU A 353 -5.04 4.50 -12.84
C GLU A 353 -4.74 5.13 -14.19
N GLU A 354 -4.57 6.44 -14.21
CA GLU A 354 -4.32 7.14 -15.45
C GLU A 354 -2.86 7.14 -15.88
N ALA A 355 -1.99 6.72 -14.97
CA ALA A 355 -0.57 6.60 -15.27
C ALA A 355 -0.44 5.29 -16.06
N VAL A 356 -1.28 4.32 -15.72
CA VAL A 356 -1.26 3.03 -16.40
C VAL A 356 -1.84 3.19 -17.80
N ASN A 357 -2.87 4.04 -17.90
CA ASN A 357 -3.51 4.31 -19.18
C ASN A 357 -2.50 4.89 -20.17
N ARG A 358 -1.57 5.71 -19.66
CA ARG A 358 -0.55 6.29 -20.52
C ARG A 358 0.44 5.22 -20.96
N VAL A 359 0.69 4.27 -20.07
CA VAL A 359 1.58 3.15 -20.33
C VAL A 359 0.92 2.31 -21.41
N ILE A 360 -0.37 2.03 -21.23
CA ILE A 360 -1.10 1.24 -22.20
C ILE A 360 -1.06 1.92 -23.57
N ASN A 361 -1.31 3.23 -23.59
CA ASN A 361 -1.27 3.98 -24.84
C ASN A 361 0.10 3.81 -25.50
N ARG A 362 1.15 4.07 -24.73
CA ARG A 362 2.50 3.98 -25.24
C ARG A 362 2.86 2.56 -25.70
N LEU A 363 2.40 1.55 -24.96
CA LEU A 363 2.70 0.17 -25.31
C LEU A 363 2.09 -0.21 -26.65
N TYR A 364 0.89 0.32 -26.92
CA TYR A 364 0.23 0.06 -28.20
C TYR A 364 1.01 0.72 -29.32
N ALA A 365 1.54 1.92 -29.06
CA ALA A 365 2.30 2.64 -30.07
C ALA A 365 3.61 1.96 -30.37
N LEU A 366 4.10 1.13 -29.45
CA LEU A 366 5.35 0.41 -29.69
C LEU A 366 5.04 -0.81 -30.55
N GLY A 367 3.74 -1.04 -30.80
CA GLY A 367 3.32 -2.16 -31.62
C GLY A 367 2.89 -3.42 -30.91
N ALA A 368 2.67 -3.35 -29.60
CA ALA A 368 2.27 -4.52 -28.83
C ALA A 368 0.75 -4.67 -28.72
N TYR A 369 0.29 -5.90 -28.60
CA TYR A 369 -1.14 -6.14 -28.43
C TYR A 369 -1.34 -6.12 -26.91
N VAL A 370 -1.90 -5.04 -26.40
CA VAL A 370 -2.10 -4.91 -24.97
C VAL A 370 -3.47 -5.35 -24.47
N LEU A 371 -3.46 -6.22 -23.47
CA LEU A 371 -4.69 -6.71 -22.86
C LEU A 371 -4.62 -6.23 -21.41
N TYR A 372 -5.66 -5.52 -20.97
CA TYR A 372 -5.67 -4.95 -19.63
C TYR A 372 -7.08 -4.87 -19.08
N PRO A 373 -7.20 -4.83 -17.74
CA PRO A 373 -8.52 -4.74 -17.09
C PRO A 373 -8.92 -3.27 -17.03
N PRO A 374 -10.23 -3.00 -16.99
CA PRO A 374 -11.32 -3.98 -17.02
C PRO A 374 -11.76 -4.34 -18.44
N THR A 375 -11.23 -3.62 -19.44
CA THR A 375 -11.57 -3.87 -20.83
C THR A 375 -11.44 -5.36 -21.19
N TYR A 376 -10.37 -5.99 -20.71
CA TYR A 376 -10.18 -7.42 -20.95
C TYR A 376 -10.20 -8.15 -19.61
N LYS A 377 -10.87 -9.31 -19.59
CA LYS A 377 -10.99 -10.11 -18.38
C LYS A 377 -9.72 -10.89 -18.03
N VAL A 378 -8.59 -10.19 -17.95
CA VAL A 378 -7.33 -10.83 -17.62
C VAL A 378 -6.94 -10.61 -16.17
N HIS A 379 -7.91 -10.18 -15.37
CA HIS A 379 -7.69 -9.94 -13.95
C HIS A 379 -9.04 -9.92 -13.23
N ALA A 380 -9.02 -10.39 -12.00
CA ALA A 380 -10.22 -10.41 -11.18
C ALA A 380 -9.76 -9.96 -9.80
N SER A 381 -10.56 -9.12 -9.16
CA SER A 381 -10.22 -8.61 -7.85
C SER A 381 -10.08 -9.76 -6.86
N GLY A 382 -9.30 -9.54 -5.81
CA GLY A 382 -9.12 -10.57 -4.81
C GLY A 382 -10.05 -10.29 -3.64
N HIS A 383 -10.97 -9.33 -3.82
CA HIS A 383 -11.90 -8.94 -2.77
C HIS A 383 -13.37 -9.16 -3.11
N ALA A 384 -14.15 -9.41 -2.07
CA ALA A 384 -15.59 -9.66 -2.18
C ALA A 384 -16.44 -8.49 -2.67
N SER A 385 -17.43 -8.81 -3.50
CA SER A 385 -18.35 -7.80 -3.99
C SER A 385 -19.57 -7.90 -3.08
N GLN A 386 -20.57 -7.07 -3.34
CA GLN A 386 -21.76 -7.01 -2.50
C GLN A 386 -22.49 -8.28 -2.09
N GLU A 387 -22.73 -9.22 -3.00
CA GLU A 387 -23.42 -10.43 -2.60
C GLU A 387 -22.60 -11.17 -1.53
N GLU A 388 -21.28 -11.17 -1.70
CA GLU A 388 -20.42 -11.84 -0.75
C GLU A 388 -20.38 -11.12 0.59
N LEU A 389 -20.41 -9.79 0.54
CA LEU A 389 -20.40 -8.99 1.76
C LEU A 389 -21.72 -9.17 2.49
N LYS A 390 -22.82 -9.23 1.75
CA LYS A 390 -24.12 -9.41 2.38
C LYS A 390 -24.16 -10.77 3.06
N LEU A 391 -23.60 -11.78 2.41
CA LEU A 391 -23.58 -13.11 3.01
C LEU A 391 -22.87 -12.99 4.36
N ILE A 392 -21.72 -12.33 4.37
CA ILE A 392 -20.95 -12.14 5.61
C ILE A 392 -21.72 -11.33 6.65
N LEU A 393 -22.43 -10.30 6.19
CA LEU A 393 -23.21 -9.48 7.11
C LEU A 393 -24.30 -10.32 7.79
N ASN A 394 -24.98 -11.16 7.01
CA ASN A 394 -26.05 -11.99 7.55
C ASN A 394 -25.50 -13.09 8.44
N LEU A 395 -24.31 -13.57 8.11
CA LEU A 395 -23.66 -14.63 8.87
C LEU A 395 -23.30 -14.13 10.27
N THR A 396 -22.90 -12.86 10.35
CA THR A 396 -22.47 -12.29 11.62
C THR A 396 -23.42 -11.37 12.35
N THR A 397 -24.33 -10.73 11.62
CA THR A 397 -25.29 -9.76 12.18
C THR A 397 -24.70 -9.08 13.42
N PRO A 398 -23.60 -8.34 13.23
CA PRO A 398 -22.92 -7.64 14.31
C PRO A 398 -23.69 -6.48 14.93
N ARG A 399 -23.40 -6.19 16.19
CA ARG A 399 -24.05 -5.07 16.85
C ARG A 399 -23.36 -3.80 16.34
N PHE A 400 -22.05 -3.88 16.24
CA PHE A 400 -21.27 -2.74 15.78
C PHE A 400 -20.51 -3.11 14.51
N PHE A 401 -20.20 -2.11 13.70
CA PHE A 401 -19.56 -2.35 12.42
C PHE A 401 -18.50 -1.31 12.10
N LEU A 402 -17.35 -1.77 11.63
CA LEU A 402 -16.24 -0.89 11.29
C LEU A 402 -15.65 -1.28 9.94
N PRO A 403 -16.16 -0.70 8.85
CA PRO A 403 -15.69 -0.97 7.48
C PRO A 403 -14.21 -0.65 7.43
N TRP A 404 -13.43 -1.52 6.80
CA TRP A 404 -11.98 -1.35 6.74
C TRP A 404 -11.44 -1.80 5.39
N HIS A 405 -10.20 -1.41 5.09
CA HIS A 405 -9.54 -1.76 3.84
C HIS A 405 -10.21 -1.09 2.64
N GLY A 406 -10.20 0.23 2.67
CA GLY A 406 -10.81 1.00 1.60
C GLY A 406 -10.88 2.47 1.96
N GLU A 407 -11.00 3.31 0.95
CA GLU A 407 -11.08 4.75 1.16
C GLU A 407 -12.47 5.08 1.68
N VAL A 408 -12.68 6.33 2.08
CA VAL A 408 -13.97 6.74 2.61
C VAL A 408 -15.17 6.33 1.78
N ARG A 409 -15.12 6.48 0.46
CA ARG A 409 -16.28 6.10 -0.34
C ARG A 409 -16.59 4.61 -0.26
N HIS A 410 -15.55 3.79 -0.13
CA HIS A 410 -15.73 2.35 -0.02
C HIS A 410 -16.38 2.05 1.32
N GLN A 411 -15.87 2.68 2.36
CA GLN A 411 -16.38 2.51 3.72
C GLN A 411 -17.85 2.96 3.83
N MSE A 412 -18.15 4.11 3.25
CA MSE A 412 -19.52 4.63 3.27
C MSE A 412 -20.48 3.69 2.56
O MSE A 412 -21.54 3.35 3.09
CB MSE A 412 -19.60 6.01 2.62
CG MSE A 412 -19.17 7.16 3.55
SE MSE A 412 -20.20 7.22 5.19
CE MSE A 412 -21.98 7.18 4.45
N ASN A 413 -20.10 3.24 1.36
CA ASN A 413 -20.96 2.33 0.62
C ASN A 413 -21.19 1.02 1.36
N PHE A 414 -20.20 0.56 2.12
CA PHE A 414 -20.35 -0.67 2.88
C PHE A 414 -21.32 -0.38 4.04
N LYS A 415 -21.25 0.85 4.58
CA LYS A 415 -22.14 1.25 5.67
C LYS A 415 -23.58 1.21 5.17
N TRP A 416 -23.83 1.84 4.03
CA TRP A 416 -25.17 1.86 3.44
C TRP A 416 -25.63 0.43 3.16
N LEU A 417 -24.69 -0.41 2.74
CA LEU A 417 -25.03 -1.81 2.47
C LEU A 417 -25.46 -2.50 3.76
N ALA A 418 -24.73 -2.26 4.84
CA ALA A 418 -25.06 -2.86 6.12
C ALA A 418 -26.42 -2.36 6.61
N GLU A 419 -26.70 -1.09 6.37
CA GLU A 419 -27.96 -0.48 6.80
C GLU A 419 -29.19 -0.99 6.06
N SER A 420 -28.97 -1.70 4.95
CA SER A 420 -30.08 -2.25 4.17
C SER A 420 -30.40 -3.69 4.56
N MSE A 421 -29.66 -4.22 5.52
CA MSE A 421 -29.87 -5.60 5.98
C MSE A 421 -31.06 -5.71 6.92
O MSE A 421 -31.58 -4.71 7.42
CB MSE A 421 -28.62 -6.13 6.71
CG MSE A 421 -27.36 -6.23 5.86
SE MSE A 421 -27.53 -7.46 4.34
CE MSE A 421 -27.87 -6.17 2.97
N SER A 422 -31.48 -6.95 7.17
CA SER A 422 -32.60 -7.26 8.06
C SER A 422 -32.42 -6.64 9.44
N ARG A 423 -31.26 -6.88 10.04
CA ARG A 423 -30.92 -6.35 11.36
C ARG A 423 -29.62 -5.55 11.23
N PRO A 424 -29.74 -4.28 10.83
CA PRO A 424 -28.57 -3.40 10.66
C PRO A 424 -27.80 -3.24 11.97
N PRO A 425 -26.52 -2.86 11.89
CA PRO A 425 -25.73 -2.69 13.12
C PRO A 425 -26.37 -1.58 13.95
N GLU A 426 -26.13 -1.59 15.26
CA GLU A 426 -26.68 -0.53 16.10
C GLU A 426 -25.99 0.76 15.65
N LYS A 427 -24.71 0.64 15.31
CA LYS A 427 -23.95 1.79 14.85
C LYS A 427 -22.76 1.38 14.01
N THR A 428 -22.42 2.20 13.02
CA THR A 428 -21.28 1.95 12.15
C THR A 428 -20.39 3.17 12.19
N LEU A 429 -19.13 2.97 12.55
CA LEU A 429 -18.20 4.08 12.57
C LEU A 429 -17.27 3.98 11.36
N ILE A 430 -16.90 5.12 10.81
CA ILE A 430 -16.00 5.17 9.65
C ILE A 430 -14.60 5.32 10.22
N GLY A 431 -13.86 4.22 10.22
CA GLY A 431 -12.51 4.20 10.78
C GLY A 431 -11.47 5.08 10.11
N GLU A 432 -10.63 5.68 10.95
CA GLU A 432 -9.54 6.55 10.52
C GLU A 432 -8.24 6.10 11.17
N ASN A 433 -7.13 6.29 10.46
CA ASN A 433 -5.82 5.93 11.01
C ASN A 433 -5.52 6.88 12.17
N GLY A 434 -4.94 6.34 13.23
CA GLY A 434 -4.60 7.16 14.39
C GLY A 434 -5.72 7.36 15.39
N ALA A 435 -6.94 6.97 15.00
CA ALA A 435 -8.08 7.12 15.90
C ALA A 435 -8.09 6.00 16.94
N VAL A 436 -8.56 6.33 18.13
CA VAL A 436 -8.63 5.37 19.21
C VAL A 436 -10.10 5.04 19.47
N TYR A 437 -10.48 3.79 19.24
CA TYR A 437 -11.86 3.39 19.45
C TYR A 437 -11.99 2.60 20.73
N ARG A 438 -13.01 2.91 21.51
CA ARG A 438 -13.26 2.23 22.77
C ARG A 438 -14.48 1.35 22.54
N LEU A 439 -14.34 0.07 22.86
CA LEU A 439 -15.43 -0.88 22.69
C LEU A 439 -15.79 -1.56 24.00
N THR A 440 -17.07 -1.51 24.34
CA THR A 440 -17.56 -2.16 25.55
C THR A 440 -18.66 -3.07 25.05
N ARG A 441 -19.25 -3.87 25.94
CA ARG A 441 -20.30 -4.79 25.55
C ARG A 441 -21.54 -4.08 25.04
N GLU A 442 -21.66 -2.79 25.37
CA GLU A 442 -22.83 -2.01 24.99
C GLU A 442 -22.54 -0.77 24.14
N THR A 443 -21.29 -0.32 24.15
CA THR A 443 -20.92 0.87 23.38
C THR A 443 -19.72 0.68 22.46
N PHE A 444 -19.54 1.65 21.56
CA PHE A 444 -18.45 1.63 20.59
C PHE A 444 -18.31 3.06 20.08
N GLU A 445 -17.19 3.70 20.38
CA GLU A 445 -16.99 5.08 19.94
C GLU A 445 -15.53 5.48 19.84
N LYS A 446 -15.28 6.58 19.15
CA LYS A 446 -13.94 7.12 19.02
C LYS A 446 -13.76 7.99 20.27
N VAL A 447 -12.71 7.73 21.03
CA VAL A 447 -12.49 8.49 22.26
C VAL A 447 -11.22 9.33 22.24
N GLY A 448 -10.49 9.30 21.13
CA GLY A 448 -9.28 10.08 21.05
C GLY A 448 -8.43 9.79 19.82
N GLU A 449 -7.16 10.17 19.90
CA GLU A 449 -6.21 9.98 18.82
C GLU A 449 -4.80 9.81 19.36
N VAL A 450 -3.92 9.26 18.53
CA VAL A 450 -2.53 9.08 18.89
C VAL A 450 -1.71 9.51 17.68
N PRO A 451 -0.42 9.82 17.87
CA PRO A 451 0.39 10.24 16.72
C PRO A 451 0.29 9.16 15.65
N HIS A 452 0.16 9.58 14.40
CA HIS A 452 0.07 8.65 13.29
C HIS A 452 0.52 9.33 12.01
N GLY A 453 0.79 8.53 10.99
CA GLY A 453 1.23 9.09 9.73
C GLY A 453 1.99 8.08 8.89
N VAL A 454 2.86 8.58 8.03
CA VAL A 454 3.63 7.74 7.15
C VAL A 454 5.10 8.14 7.05
N LEU A 455 5.97 7.13 6.93
CA LEU A 455 7.40 7.38 6.78
C LEU A 455 7.70 6.98 5.32
N TYR A 456 8.59 7.71 4.67
CA TYR A 456 8.93 7.39 3.28
C TYR A 456 10.25 6.65 3.17
N VAL A 457 10.26 5.59 2.37
CA VAL A 457 11.44 4.77 2.21
C VAL A 457 11.99 4.70 0.79
N ASP A 458 13.31 4.80 0.65
CA ASP A 458 13.99 4.69 -0.63
C ASP A 458 15.26 3.88 -0.41
N GLY A 459 16.05 3.71 -1.45
CA GLY A 459 17.28 2.95 -1.33
C GLY A 459 18.11 3.17 -0.08
N LEU A 460 18.10 4.39 0.45
CA LEU A 460 18.90 4.69 1.64
C LEU A 460 18.16 4.51 2.95
N GLY A 461 16.96 3.94 2.90
CA GLY A 461 16.19 3.71 4.12
C GLY A 461 15.16 4.78 4.37
N VAL A 462 14.70 4.86 5.62
CA VAL A 462 13.70 5.85 6.00
C VAL A 462 14.33 7.21 6.25
N GLY A 463 13.51 8.26 6.16
CA GLY A 463 14.02 9.61 6.41
C GLY A 463 14.65 10.36 5.23
N ASP A 464 15.23 9.62 4.29
CA ASP A 464 15.86 10.24 3.12
C ASP A 464 14.90 11.22 2.46
N ILE A 465 13.65 10.79 2.30
CA ILE A 465 12.58 11.61 1.73
C ILE A 465 11.64 11.89 2.89
N THR A 466 11.13 13.11 2.98
CA THR A 466 10.25 13.46 4.10
C THR A 466 9.04 14.28 3.65
N GLU A 467 8.12 14.49 4.58
CA GLU A 467 6.91 15.25 4.31
C GLU A 467 7.30 16.66 3.88
N GLU A 468 8.33 17.21 4.53
CA GLU A 468 8.82 18.55 4.24
C GLU A 468 9.32 18.61 2.81
N ILE A 469 10.24 17.70 2.48
CA ILE A 469 10.80 17.63 1.14
C ILE A 469 9.71 17.54 0.08
N LEU A 470 8.61 16.87 0.42
CA LEU A 470 7.49 16.70 -0.48
C LEU A 470 6.57 17.92 -0.48
N ALA A 471 6.35 18.51 0.69
CA ALA A 471 5.48 19.67 0.82
C ALA A 471 5.91 20.85 -0.04
N ASP A 472 7.20 21.20 0.04
CA ASP A 472 7.69 22.33 -0.74
C ASP A 472 8.03 21.89 -2.16
N ARG A 473 7.94 20.59 -2.42
CA ARG A 473 8.19 20.07 -3.76
C ARG A 473 6.92 20.35 -4.56
N ARG A 474 5.81 20.46 -3.84
CA ARG A 474 4.52 20.72 -4.46
C ARG A 474 4.34 22.23 -4.56
N HIS A 475 4.89 22.96 -3.59
CA HIS A 475 4.80 24.41 -3.55
C HIS A 475 5.46 24.96 -4.81
N MSE A 476 6.51 24.29 -5.25
CA MSE A 476 7.24 24.72 -6.44
C MSE A 476 6.52 24.25 -7.69
O MSE A 476 6.36 25.00 -8.65
CB MSE A 476 8.67 24.15 -6.44
CG MSE A 476 9.53 24.58 -5.26
SE MSE A 476 11.39 24.03 -5.47
CE MSE A 476 12.22 25.55 -4.66
N ALA A 477 6.08 22.99 -7.69
CA ALA A 477 5.38 22.41 -8.81
C ALA A 477 4.11 23.18 -9.19
N GLU A 478 3.43 23.70 -8.18
CA GLU A 478 2.18 24.43 -8.39
C GLU A 478 2.28 25.96 -8.40
N GLU A 479 3.36 26.51 -7.84
CA GLU A 479 3.51 27.97 -7.79
C GLU A 479 4.80 28.51 -8.39
N GLY A 480 5.83 27.67 -8.47
CA GLY A 480 7.09 28.12 -9.04
C GLY A 480 8.09 28.67 -8.02
N LEU A 481 9.20 29.20 -8.53
CA LEU A 481 10.26 29.74 -7.68
C LEU A 481 10.69 31.18 -8.01
N VAL A 482 11.03 31.93 -6.96
CA VAL A 482 11.51 33.30 -7.09
C VAL A 482 12.70 33.45 -6.13
N VAL A 483 13.90 33.50 -6.70
CA VAL A 483 15.12 33.64 -5.89
C VAL A 483 15.63 35.07 -5.85
N ILE A 484 15.66 35.65 -4.67
CA ILE A 484 16.14 37.01 -4.49
C ILE A 484 17.53 36.99 -3.85
N THR A 485 18.53 37.44 -4.59
CA THR A 485 19.90 37.46 -4.09
C THR A 485 20.27 38.87 -3.68
N ALA A 486 20.55 39.06 -2.39
CA ALA A 486 20.89 40.38 -1.88
C ALA A 486 22.26 40.45 -1.21
N LEU A 487 23.02 41.49 -1.56
CA LEU A 487 24.34 41.69 -0.98
C LEU A 487 24.26 42.86 -0.02
N ALA A 488 24.33 42.55 1.27
CA ALA A 488 24.24 43.56 2.32
C ALA A 488 25.61 44.13 2.67
N GLY A 489 25.86 45.35 2.21
CA GLY A 489 27.11 46.03 2.48
C GLY A 489 26.89 47.52 2.28
N GLU A 490 27.92 48.21 1.82
CA GLU A 490 27.81 49.65 1.57
C GLU A 490 27.49 49.84 0.08
N ASP A 491 27.60 48.74 -0.66
CA ASP A 491 27.30 48.72 -2.09
C ASP A 491 26.22 47.67 -2.31
N PRO A 492 25.03 47.88 -1.71
CA PRO A 492 23.89 46.97 -1.81
C PRO A 492 23.57 46.60 -3.24
N VAL A 493 23.31 45.31 -3.46
CA VAL A 493 22.95 44.79 -4.78
C VAL A 493 21.83 43.79 -4.60
N VAL A 494 20.85 43.83 -5.50
CA VAL A 494 19.73 42.90 -5.45
C VAL A 494 19.48 42.35 -6.83
N GLU A 495 19.37 41.03 -6.94
CA GLU A 495 19.09 40.37 -8.22
C GLU A 495 17.91 39.42 -8.01
N VAL A 496 16.94 39.50 -8.91
CA VAL A 496 15.78 38.63 -8.80
C VAL A 496 15.64 37.74 -10.02
N VAL A 497 15.47 36.45 -9.78
CA VAL A 497 15.30 35.49 -10.85
C VAL A 497 14.16 34.57 -10.47
N SER A 498 13.51 33.97 -11.47
CA SER A 498 12.40 33.06 -11.19
C SER A 498 12.38 31.85 -12.10
N ARG A 499 11.58 30.86 -11.71
CA ARG A 499 11.45 29.62 -12.48
C ARG A 499 10.05 29.07 -12.30
N GLY A 500 9.45 28.64 -13.41
CA GLY A 500 8.10 28.10 -13.35
C GLY A 500 7.12 29.11 -12.77
N PHE A 501 7.43 30.39 -12.96
CA PHE A 501 6.58 31.47 -12.46
C PHE A 501 5.87 32.14 -13.63
N VAL A 502 4.62 32.53 -13.41
CA VAL A 502 3.81 33.17 -14.43
C VAL A 502 4.45 34.43 -15.01
N LYS A 503 4.42 34.54 -16.34
CA LYS A 503 4.97 35.68 -17.06
C LYS A 503 4.52 37.01 -16.48
N ALA A 504 3.24 37.11 -16.15
CA ALA A 504 2.69 38.33 -15.57
C ALA A 504 3.49 38.68 -14.33
N GLY A 505 3.79 37.65 -13.54
CA GLY A 505 4.55 37.85 -12.32
C GLY A 505 6.00 38.17 -12.61
N GLU A 506 6.57 37.52 -13.62
CA GLU A 506 7.96 37.75 -13.98
C GLU A 506 8.19 39.22 -14.33
N ARG A 507 7.25 39.80 -15.07
CA ARG A 507 7.35 41.20 -15.47
C ARG A 507 7.27 42.12 -14.24
N LEU A 508 7.07 41.52 -13.07
CA LEU A 508 6.99 42.28 -11.84
C LEU A 508 8.25 42.10 -10.99
N LEU A 509 9.23 41.38 -11.53
CA LEU A 509 10.48 41.13 -10.81
C LEU A 509 11.30 42.41 -10.64
N GLY A 510 11.09 43.37 -11.53
CA GLY A 510 11.82 44.62 -11.42
C GLY A 510 11.34 45.36 -10.19
N GLU A 511 10.03 45.35 -9.97
CA GLU A 511 9.44 46.00 -8.80
C GLU A 511 9.86 45.24 -7.55
N VAL A 512 9.95 43.91 -7.68
CA VAL A 512 10.36 43.09 -6.56
C VAL A 512 11.79 43.49 -6.21
N ARG A 513 12.61 43.60 -7.25
CA ARG A 513 14.01 43.98 -7.07
C ARG A 513 14.12 45.28 -6.29
N ARG A 514 13.36 46.29 -6.70
CA ARG A 514 13.43 47.58 -6.00
C ARG A 514 12.91 47.57 -4.59
N MSE A 515 11.76 46.95 -4.33
CA MSE A 515 11.27 46.95 -2.96
C MSE A 515 12.22 46.14 -2.10
O MSE A 515 12.29 46.33 -0.88
CB MSE A 515 9.83 46.42 -2.86
CG MSE A 515 9.55 45.07 -3.51
SE MSE A 515 7.68 44.56 -3.23
CE MSE A 515 6.84 46.04 -4.13
N ALA A 516 12.97 45.23 -2.73
CA ALA A 516 13.94 44.42 -1.99
C ALA A 516 15.12 45.30 -1.61
N LEU A 517 15.63 46.06 -2.58
CA LEU A 517 16.75 46.97 -2.35
C LEU A 517 16.48 47.90 -1.17
N GLU A 518 15.30 48.53 -1.19
CA GLU A 518 14.91 49.43 -0.14
C GLU A 518 14.93 48.72 1.21
N ALA A 519 14.47 47.47 1.21
CA ALA A 519 14.47 46.67 2.43
C ALA A 519 15.91 46.37 2.83
N LEU A 520 16.72 46.00 1.85
CA LEU A 520 18.13 45.69 2.10
C LEU A 520 18.86 46.93 2.62
N LYS A 521 18.73 48.05 1.90
CA LYS A 521 19.38 49.28 2.32
C LYS A 521 18.91 49.72 3.71
N ASN A 522 17.62 49.64 3.95
CA ASN A 522 17.08 50.03 5.25
C ASN A 522 17.63 49.07 6.32
N GLY A 523 17.73 47.80 5.95
CA GLY A 523 18.24 46.81 6.88
C GLY A 523 19.66 47.16 7.31
N VAL A 524 20.47 47.60 6.35
CA VAL A 524 21.85 47.97 6.61
C VAL A 524 21.89 49.17 7.55
N ARG A 525 21.08 50.19 7.26
CA ARG A 525 21.03 51.40 8.08
C ARG A 525 20.71 51.09 9.54
N GLU A 526 19.74 50.21 9.76
CA GLU A 526 19.33 49.83 11.11
C GLU A 526 20.31 48.86 11.76
N LYS A 527 21.28 48.39 10.99
CA LYS A 527 22.27 47.43 11.50
C LYS A 527 21.56 46.16 11.96
N LYS A 528 20.57 45.73 11.18
CA LYS A 528 19.82 44.52 11.50
C LYS A 528 20.56 43.26 11.08
N PRO A 529 20.30 42.14 11.78
CA PRO A 529 20.95 40.87 11.44
C PRO A 529 20.43 40.46 10.07
N LEU A 530 21.17 39.62 9.36
CA LEU A 530 20.74 39.18 8.03
C LEU A 530 19.39 38.47 8.01
N GLU A 531 19.14 37.60 8.98
CA GLU A 531 17.88 36.87 9.03
C GLU A 531 16.69 37.81 9.12
N ARG A 532 16.87 38.94 9.79
CA ARG A 532 15.81 39.93 9.93
C ARG A 532 15.62 40.68 8.61
N ILE A 533 16.71 40.83 7.87
CA ILE A 533 16.67 41.51 6.58
C ILE A 533 15.97 40.58 5.58
N ARG A 534 16.18 39.28 5.78
CA ARG A 534 15.57 38.27 4.92
C ARG A 534 14.06 38.37 5.09
N ASP A 535 13.62 38.53 6.33
CA ASP A 535 12.20 38.66 6.62
C ASP A 535 11.63 39.94 6.01
N ASP A 536 12.33 41.05 6.21
CA ASP A 536 11.89 42.33 5.68
C ASP A 536 11.70 42.27 4.17
N ILE A 537 12.40 41.36 3.53
CA ILE A 537 12.31 41.18 2.08
C ILE A 537 11.19 40.18 1.77
N TYR A 538 11.30 38.99 2.34
CA TYR A 538 10.33 37.91 2.13
C TYR A 538 8.85 38.33 2.20
N TYR A 539 8.41 38.67 3.41
CA TYR A 539 7.03 39.06 3.65
C TYR A 539 6.44 40.10 2.69
N PRO A 540 7.02 41.32 2.64
CA PRO A 540 6.50 42.34 1.73
C PRO A 540 6.40 41.87 0.29
N VAL A 541 7.44 41.18 -0.18
CA VAL A 541 7.45 40.68 -1.55
C VAL A 541 6.36 39.64 -1.77
N LYS A 542 6.18 38.78 -0.76
CA LYS A 542 5.17 37.73 -0.82
C LYS A 542 3.79 38.36 -0.94
N LYS A 543 3.52 39.34 -0.08
CA LYS A 543 2.23 40.04 -0.09
C LYS A 543 2.02 40.71 -1.45
N PHE A 544 2.96 41.57 -1.82
CA PHE A 544 2.90 42.28 -3.09
C PHE A 544 2.52 41.40 -4.28
N LEU A 545 3.24 40.29 -4.46
CA LEU A 545 3.01 39.38 -5.57
C LEU A 545 1.65 38.68 -5.61
N LYS A 546 1.14 38.24 -4.47
CA LYS A 546 -0.17 37.57 -4.47
C LYS A 546 -1.25 38.60 -4.71
N LYS A 547 -1.05 39.79 -4.15
CA LYS A 547 -1.98 40.90 -4.28
C LYS A 547 -2.02 41.35 -5.74
N ALA A 548 -1.01 40.93 -6.51
CA ALA A 548 -0.93 41.33 -7.92
C ALA A 548 -0.97 40.19 -8.94
N THR A 549 -0.99 38.94 -8.48
CA THR A 549 -1.03 37.80 -9.39
C THR A 549 -1.92 36.68 -8.88
N GLY A 550 -2.20 36.68 -7.58
CA GLY A 550 -3.03 35.64 -7.00
C GLY A 550 -2.26 34.33 -6.83
N ARG A 551 -0.96 34.39 -7.04
CA ARG A 551 -0.12 33.19 -6.91
C ARG A 551 0.81 33.33 -5.71
N ASP A 552 1.14 32.20 -5.10
CA ASP A 552 2.03 32.16 -3.94
C ASP A 552 3.29 31.38 -4.25
N PRO A 553 4.14 31.92 -5.15
CA PRO A 553 5.38 31.23 -5.51
C PRO A 553 6.31 31.14 -4.32
N MSE A 554 7.24 30.19 -4.36
CA MSE A 554 8.18 30.05 -3.26
C MSE A 554 9.24 31.12 -3.43
O MSE A 554 9.91 31.21 -4.45
CB MSE A 554 8.85 28.68 -3.27
CG MSE A 554 9.75 28.48 -2.06
SE MSE A 554 10.79 26.88 -2.18
CE MSE A 554 9.42 25.63 -1.65
N ILE A 555 9.38 31.95 -2.40
CA ILE A 555 10.33 33.04 -2.40
C ILE A 555 11.54 32.74 -1.52
N LEU A 556 12.67 32.43 -2.15
CA LEU A 556 13.90 32.15 -1.42
C LEU A 556 14.80 33.38 -1.38
N PRO A 557 14.78 34.11 -0.26
CA PRO A 557 15.62 35.31 -0.14
C PRO A 557 16.98 34.92 0.42
N VAL A 558 18.06 35.22 -0.31
CA VAL A 558 19.40 34.91 0.16
C VAL A 558 20.14 36.23 0.39
N VAL A 559 20.43 36.53 1.65
CA VAL A 559 21.14 37.75 1.99
C VAL A 559 22.55 37.43 2.46
N ILE A 560 23.54 38.03 1.80
CA ILE A 560 24.94 37.80 2.14
C ILE A 560 25.66 39.11 2.42
N GLU A 561 26.43 39.16 3.49
CA GLU A 561 27.18 40.36 3.83
C GLU A 561 28.39 40.39 2.92
N GLY A 562 28.49 41.41 2.08
CA GLY A 562 29.62 41.49 1.17
C GLY A 562 29.25 42.11 -0.16
S SO4 B . -7.48 -6.17 -6.45
O1 SO4 B . -7.01 -7.52 -6.06
O2 SO4 B . -6.71 -5.15 -5.72
O3 SO4 B . -8.90 -6.01 -6.10
O4 SO4 B . -7.32 -5.97 -7.90
S SO4 C . 0.62 0.11 -10.66
O1 SO4 C . -0.76 0.53 -10.40
O2 SO4 C . 0.83 -0.05 -12.13
O3 SO4 C . 0.91 -1.16 -9.97
O4 SO4 C . 1.50 1.18 -10.12
S SO4 D . -9.22 -28.50 2.84
O1 SO4 D . -10.18 -27.48 2.37
O2 SO4 D . -9.48 -29.78 2.15
O3 SO4 D . -9.40 -28.67 4.30
O4 SO4 D . -7.85 -28.05 2.54
ZN ZN E . -4.52 -8.86 0.42
ZN ZN F . -4.81 -6.10 1.44
C1 GOL G . -25.50 -0.03 -2.38
O1 GOL G . -26.18 -0.02 -0.91
C2 GOL G . -24.30 0.61 -2.75
O2 GOL G . -23.68 1.11 -1.67
C3 GOL G . -24.12 0.53 -3.94
O3 GOL G . -24.33 0.16 -5.44
C1 GOL H . -15.37 -22.38 -14.46
O1 GOL H . -15.30 -21.09 -15.42
C2 GOL H . -14.86 -22.42 -13.15
O2 GOL H . -14.91 -21.20 -12.56
C3 GOL H . -14.54 -23.53 -12.85
O3 GOL H . -14.30 -25.08 -12.96
#